data_4U6Q
#
_entry.id   4U6Q
#
_cell.length_a   84.000
_cell.length_b   84.000
_cell.length_c   159.472
_cell.angle_alpha   90.00
_cell.angle_beta   90.00
_cell.angle_gamma   120.00
#
_symmetry.space_group_name_H-M   'P 64 2 2'
#
loop_
_entity.id
_entity.type
_entity.pdbx_description
1 polymer 'C-terminal-binding protein 1'
2 non-polymer '1,4-DIHYDRONICOTINAMIDE ADENINE DINUCLEOTIDE'
3 non-polymer '(2E)-2-(hydroxyimino)-3-phenylpropanoic acid'
4 non-polymer 'CALCIUM ION'
5 non-polymer 'FORMIC ACID'
6 water water
#
_entity_poly.entity_id   1
_entity_poly.type   'polypeptide(L)'
_entity_poly.pdbx_seq_one_letter_code
;MGSSHHHHHHSSGLVPRGSHMPLVALLDGRDCTVEMPILKDVATVAFCDAQSTQEIHEKVLNEAVGALMYHTITLTREDL
EKFKALRIIVRIGSGFDNIDIKSAGDLGIAVCNVPAASVEETADSTLCHILNLYRRATWLHQALREGTRVQSVEQIREVA
SGAARIRGETLGIIGLGRVGQAVALRAKAFGFNVLFYDPYLSDGVERALGLQRVSTLQDLLFHSDCVTLHCGLNEHNHHL
INDFTVKQMRQGAFLVNTARGGLVDEKALAQALKEGRIRGAALDVHESEPFSFSQGPLKDAPNLICTPHAAWYSEQASIE
MREEAAREIRRAITGRIPDSLKNCVNK
;
_entity_poly.pdbx_strand_id   A
#
# COMPACT_ATOMS: atom_id res chain seq x y z
N HIS A 20 -2.17 -17.75 34.03
CA HIS A 20 -1.71 -17.91 32.66
C HIS A 20 -1.99 -16.64 31.85
N MET A 21 -0.97 -15.81 31.69
CA MET A 21 -1.08 -14.57 30.93
C MET A 21 -0.02 -14.56 29.83
N PRO A 22 -0.32 -15.21 28.70
CA PRO A 22 0.67 -15.38 27.63
C PRO A 22 1.22 -14.04 27.11
N LEU A 23 2.43 -14.07 26.59
CA LEU A 23 3.11 -12.87 26.13
C LEU A 23 2.68 -12.48 24.71
N VAL A 24 2.24 -11.23 24.55
CA VAL A 24 1.91 -10.70 23.24
C VAL A 24 2.82 -9.50 22.98
N ALA A 25 3.54 -9.53 21.86
CA ALA A 25 4.59 -8.54 21.60
C ALA A 25 4.32 -7.70 20.35
N LEU A 26 4.39 -6.38 20.51
CA LEU A 26 4.39 -5.47 19.38
C LEU A 26 5.82 -5.29 18.91
N LEU A 27 6.13 -5.80 17.73
CA LEU A 27 7.51 -5.89 17.28
C LEU A 27 8.08 -4.54 16.85
N ASP A 28 7.48 -3.94 15.82
CA ASP A 28 8.00 -2.69 15.27
C ASP A 28 7.19 -1.49 15.71
N GLY A 29 7.00 -1.34 17.02
CA GLY A 29 6.30 -0.19 17.57
C GLY A 29 6.63 -0.01 19.03
N ARG A 30 6.26 1.14 19.59
CA ARG A 30 6.53 1.44 20.99
C ARG A 30 5.27 1.76 21.79
N ASP A 31 4.14 1.92 21.10
CA ASP A 31 2.90 2.27 21.74
C ASP A 31 1.89 1.13 21.64
N CYS A 32 1.29 0.77 22.78
CA CYS A 32 0.33 -0.32 22.82
C CYS A 32 -0.94 0.13 23.54
N THR A 33 -1.13 1.43 23.66
CA THR A 33 -2.23 1.99 24.44
C THR A 33 -3.60 1.55 23.93
N VAL A 34 -3.80 1.58 22.62
CA VAL A 34 -5.09 1.24 22.03
C VAL A 34 -5.42 -0.23 22.24
N GLU A 35 -4.40 -1.07 22.24
CA GLU A 35 -4.58 -2.51 22.33
C GLU A 35 -4.87 -2.98 23.76
N MET A 36 -4.36 -2.25 24.75
CA MET A 36 -4.36 -2.72 26.13
C MET A 36 -5.75 -3.05 26.69
N PRO A 37 -6.72 -2.14 26.52
CA PRO A 37 -8.06 -2.40 27.06
C PRO A 37 -8.73 -3.64 26.47
N ILE A 38 -8.19 -4.16 25.37
CA ILE A 38 -8.76 -5.34 24.73
C ILE A 38 -8.02 -6.62 25.14
N LEU A 39 -6.82 -6.46 25.67
CA LEU A 39 -5.97 -7.61 26.01
C LEU A 39 -5.58 -7.63 27.49
N LYS A 40 -5.96 -6.59 28.22
CA LYS A 40 -5.51 -6.41 29.60
C LYS A 40 -5.67 -7.66 30.45
N ASP A 41 -6.79 -8.37 30.29
CA ASP A 41 -7.11 -9.47 31.17
C ASP A 41 -6.67 -10.83 30.63
N VAL A 42 -6.18 -10.88 29.40
CA VAL A 42 -5.87 -12.16 28.77
C VAL A 42 -4.44 -12.28 28.24
N ALA A 43 -3.65 -11.23 28.37
CA ALA A 43 -2.28 -11.27 27.84
C ALA A 43 -1.34 -10.29 28.55
N THR A 44 -0.09 -10.72 28.68
CA THR A 44 1.00 -9.84 29.08
C THR A 44 1.47 -9.12 27.82
N VAL A 45 1.39 -7.80 27.80
CA VAL A 45 1.69 -7.03 26.60
C VAL A 45 3.01 -6.28 26.73
N ALA A 46 3.89 -6.47 25.73
CA ALA A 46 5.18 -5.80 25.68
C ALA A 46 5.43 -5.25 24.28
N PHE A 47 6.37 -4.31 24.17
CA PHE A 47 6.77 -3.80 22.85
C PHE A 47 8.28 -3.88 22.70
N CYS A 48 8.75 -3.86 21.46
CA CYS A 48 10.16 -4.07 21.16
C CYS A 48 10.79 -2.91 20.40
N ASP A 49 9.95 -2.05 19.81
CA ASP A 49 10.43 -0.94 18.99
C ASP A 49 11.62 -1.39 18.14
N ALA A 50 11.45 -2.50 17.43
CA ALA A 50 12.54 -3.11 16.68
C ALA A 50 12.34 -2.98 15.18
N GLN A 51 13.41 -2.63 14.48
CA GLN A 51 13.39 -2.58 13.02
C GLN A 51 13.81 -3.94 12.45
N SER A 52 14.14 -4.87 13.32
CA SER A 52 14.63 -6.18 12.89
C SER A 52 14.60 -7.20 14.02
N THR A 53 14.81 -8.46 13.72
CA THR A 53 14.89 -9.44 14.79
C THR A 53 16.09 -9.17 15.72
N GLN A 54 17.22 -8.88 15.13
CA GLN A 54 18.41 -8.68 15.95
C GLN A 54 18.13 -7.76 17.14
N GLU A 55 17.13 -6.89 16.99
CA GLU A 55 16.80 -5.91 18.03
C GLU A 55 15.85 -6.47 19.09
N ILE A 56 15.37 -7.70 18.89
CA ILE A 56 14.39 -8.29 19.80
C ILE A 56 15.06 -9.11 20.90
N HIS A 57 14.57 -8.96 22.13
CA HIS A 57 15.12 -9.67 23.27
C HIS A 57 14.83 -11.16 23.16
N GLU A 58 15.74 -11.98 23.69
CA GLU A 58 15.59 -13.43 23.65
C GLU A 58 14.31 -13.85 24.35
N LYS A 59 13.96 -13.14 25.42
CA LYS A 59 12.77 -13.44 26.20
C LYS A 59 11.51 -13.41 25.35
N VAL A 60 11.39 -12.40 24.50
CA VAL A 60 10.23 -12.26 23.62
C VAL A 60 10.23 -13.36 22.57
N LEU A 61 11.39 -13.58 21.95
CA LEU A 61 11.53 -14.61 20.94
C LEU A 61 11.21 -15.98 21.55
N ASN A 62 11.59 -16.16 22.81
CA ASN A 62 11.40 -17.43 23.49
C ASN A 62 9.97 -17.64 23.98
N GLU A 63 9.37 -16.59 24.53
CA GLU A 63 8.12 -16.72 25.26
C GLU A 63 6.89 -16.20 24.52
N ALA A 64 7.09 -15.25 23.60
CA ALA A 64 5.97 -14.63 22.89
C ALA A 64 5.07 -15.66 22.23
N VAL A 65 3.77 -15.61 22.55
CA VAL A 65 2.78 -16.53 22.00
C VAL A 65 2.05 -15.88 20.83
N GLY A 66 2.01 -14.55 20.84
CA GLY A 66 1.37 -13.79 19.78
C GLY A 66 2.20 -12.57 19.45
N ALA A 67 2.12 -12.12 18.20
CA ALA A 67 2.88 -10.96 17.78
C ALA A 67 2.03 -9.99 16.96
N LEU A 68 2.19 -8.70 17.24
CA LEU A 68 1.56 -7.65 16.46
C LEU A 68 2.66 -6.90 15.74
N MET A 69 2.48 -6.66 14.44
CA MET A 69 3.48 -5.94 13.67
C MET A 69 2.90 -5.12 12.57
N TYR A 70 3.60 -4.02 12.26
CA TYR A 70 3.24 -3.18 11.13
C TYR A 70 4.01 -3.66 9.89
N HIS A 71 4.48 -2.74 9.07
CA HIS A 71 5.10 -3.10 7.80
C HIS A 71 6.60 -2.82 7.80
N THR A 72 7.10 -2.23 8.88
CA THR A 72 8.48 -1.77 8.93
C THR A 72 9.47 -2.91 9.22
N ILE A 73 8.95 -4.05 9.65
CA ILE A 73 9.81 -5.22 9.90
C ILE A 73 9.42 -6.38 8.99
N THR A 74 10.39 -7.18 8.61
CA THR A 74 10.18 -8.32 7.71
C THR A 74 10.47 -9.62 8.44
N LEU A 75 9.66 -10.65 8.19
CA LEU A 75 9.84 -11.95 8.82
C LEU A 75 10.03 -13.06 7.80
N THR A 76 11.28 -13.42 7.54
CA THR A 76 11.59 -14.57 6.70
C THR A 76 11.40 -15.84 7.52
N ARG A 77 11.57 -17.00 6.89
CA ARG A 77 11.49 -18.27 7.61
C ARG A 77 12.57 -18.33 8.68
N GLU A 78 13.74 -17.78 8.36
CA GLU A 78 14.85 -17.74 9.32
C GLU A 78 14.44 -16.92 10.55
N ASP A 79 13.88 -15.74 10.30
CA ASP A 79 13.42 -14.88 11.39
C ASP A 79 12.29 -15.51 12.18
N LEU A 80 11.42 -16.25 11.48
CA LEU A 80 10.30 -16.92 12.13
C LEU A 80 10.78 -18.05 13.04
N GLU A 81 11.85 -18.72 12.63
CA GLU A 81 12.38 -19.85 13.39
C GLU A 81 12.93 -19.43 14.75
N LYS A 82 13.19 -18.15 14.91
CA LYS A 82 13.66 -17.63 16.16
C LYS A 82 12.55 -17.51 17.22
N PHE A 83 11.33 -17.84 16.84
CA PHE A 83 10.18 -17.79 17.75
C PHE A 83 9.78 -19.19 18.21
N LYS A 84 9.99 -19.47 19.49
CA LYS A 84 9.78 -20.80 20.06
C LYS A 84 8.33 -21.07 20.49
N ALA A 85 7.61 -20.01 20.84
CA ALA A 85 6.26 -20.16 21.37
C ALA A 85 5.20 -19.42 20.56
N LEU A 86 5.62 -18.72 19.51
CA LEU A 86 4.72 -17.92 18.71
C LEU A 86 3.67 -18.80 18.02
N ARG A 87 2.41 -18.39 18.11
CA ARG A 87 1.30 -19.15 17.53
C ARG A 87 0.45 -18.35 16.54
N ILE A 88 0.53 -17.02 16.61
CA ILE A 88 -0.20 -16.18 15.68
C ILE A 88 0.50 -14.84 15.47
N ILE A 89 0.45 -14.35 14.23
CA ILE A 89 0.92 -13.02 13.89
C ILE A 89 -0.27 -12.23 13.36
N VAL A 90 -0.43 -11.00 13.82
CA VAL A 90 -1.47 -10.14 13.27
C VAL A 90 -0.84 -8.88 12.69
N ARG A 91 -0.95 -8.73 11.38
CA ARG A 91 -0.54 -7.50 10.72
C ARG A 91 -1.52 -6.39 11.04
N ILE A 92 -1.04 -5.33 11.68
CA ILE A 92 -1.86 -4.14 11.89
C ILE A 92 -1.86 -3.38 10.57
N GLY A 93 -2.68 -3.86 9.64
CA GLY A 93 -2.71 -3.36 8.29
C GLY A 93 -3.24 -4.46 7.38
N SER A 94 -3.31 -4.21 6.09
CA SER A 94 -3.86 -5.19 5.15
C SER A 94 -2.77 -5.98 4.44
N GLY A 95 -1.68 -5.31 4.09
CA GLY A 95 -0.59 -5.95 3.36
C GLY A 95 0.26 -6.84 4.24
N PHE A 96 0.58 -8.03 3.75
CA PHE A 96 1.37 -8.98 4.51
C PHE A 96 2.47 -9.59 3.64
N ASP A 97 2.94 -8.81 2.67
CA ASP A 97 4.05 -9.22 1.82
C ASP A 97 5.35 -9.27 2.61
N ASN A 98 5.36 -8.64 3.77
CA ASN A 98 6.56 -8.61 4.61
C ASN A 98 6.67 -9.84 5.52
N ILE A 99 5.83 -10.84 5.27
CA ILE A 99 5.85 -12.08 6.05
C ILE A 99 5.79 -13.28 5.12
N ASP A 100 6.70 -14.24 5.32
CA ASP A 100 6.62 -15.51 4.63
C ASP A 100 5.50 -16.33 5.29
N ILE A 101 4.27 -16.06 4.87
CA ILE A 101 3.09 -16.64 5.51
C ILE A 101 2.98 -18.14 5.28
N LYS A 102 3.52 -18.62 4.17
CA LYS A 102 3.45 -20.04 3.84
C LYS A 102 4.30 -20.84 4.82
N SER A 103 5.52 -20.37 5.06
CA SER A 103 6.40 -20.98 6.04
C SER A 103 5.83 -20.81 7.44
N ALA A 104 5.37 -19.59 7.73
CA ALA A 104 4.73 -19.32 9.02
C ALA A 104 3.69 -20.38 9.33
N GLY A 105 2.86 -20.71 8.33
CA GLY A 105 1.84 -21.74 8.48
C GLY A 105 2.43 -23.11 8.66
N ASP A 106 3.52 -23.40 7.93
CA ASP A 106 4.21 -24.66 8.09
C ASP A 106 4.74 -24.82 9.51
N LEU A 107 5.12 -23.69 10.12
CA LEU A 107 5.62 -23.70 11.49
C LEU A 107 4.47 -23.65 12.50
N GLY A 108 3.24 -23.72 12.00
CA GLY A 108 2.07 -23.73 12.87
C GLY A 108 1.67 -22.34 13.33
N ILE A 109 2.11 -21.32 12.62
CA ILE A 109 1.85 -19.93 13.00
C ILE A 109 0.81 -19.30 12.08
N ALA A 110 -0.38 -19.05 12.62
CA ALA A 110 -1.42 -18.37 11.86
C ALA A 110 -1.02 -16.92 11.61
N VAL A 111 -1.32 -16.40 10.42
CA VAL A 111 -1.06 -15.00 10.11
C VAL A 111 -2.37 -14.35 9.68
N CYS A 112 -2.65 -13.17 10.23
CA CYS A 112 -3.90 -12.46 9.94
C CYS A 112 -3.60 -11.00 9.63
N ASN A 113 -4.57 -10.31 9.05
CA ASN A 113 -4.42 -8.90 8.73
C ASN A 113 -5.66 -8.10 9.12
N VAL A 114 -5.66 -6.81 8.77
CA VAL A 114 -6.77 -5.92 9.05
C VAL A 114 -7.10 -5.13 7.78
N PRO A 115 -7.98 -5.70 6.94
CA PRO A 115 -8.27 -5.25 5.56
C PRO A 115 -9.26 -4.09 5.40
N ALA A 116 -9.99 -3.71 6.45
CA ALA A 116 -11.11 -2.79 6.28
C ALA A 116 -10.87 -1.35 6.75
N ALA A 117 -9.97 -1.17 7.70
CA ALA A 117 -9.86 0.10 8.43
C ALA A 117 -9.58 1.33 7.57
N SER A 118 -8.66 1.21 6.62
CA SER A 118 -8.19 2.39 5.87
C SER A 118 -8.48 2.30 4.38
N VAL A 119 -9.58 1.65 4.01
CA VAL A 119 -9.91 1.48 2.60
C VAL A 119 -10.19 2.82 1.95
N GLU A 120 -11.06 3.62 2.56
CA GLU A 120 -11.48 4.87 1.97
C GLU A 120 -10.45 5.98 2.12
N GLU A 121 -9.71 5.95 3.24
CA GLU A 121 -8.57 6.85 3.41
C GLU A 121 -7.59 6.66 2.27
N THR A 122 -7.29 5.39 1.98
CA THR A 122 -6.33 5.06 0.94
C THR A 122 -6.87 5.43 -0.43
N ALA A 123 -8.17 5.25 -0.62
CA ALA A 123 -8.81 5.60 -1.89
C ALA A 123 -8.85 7.12 -2.06
N ASP A 124 -9.03 7.84 -0.97
CA ASP A 124 -9.06 9.30 -1.01
C ASP A 124 -7.67 9.85 -1.33
N SER A 125 -6.64 9.24 -0.75
CA SER A 125 -5.27 9.64 -1.03
C SER A 125 -4.92 9.38 -2.48
N THR A 126 -5.37 8.23 -2.97
CA THR A 126 -5.14 7.86 -4.35
C THR A 126 -5.73 8.91 -5.29
N LEU A 127 -6.94 9.37 -4.97
CA LEU A 127 -7.60 10.38 -5.79
C LEU A 127 -6.89 11.72 -5.70
N CYS A 128 -6.45 12.06 -4.49
CA CYS A 128 -5.68 13.28 -4.26
C CYS A 128 -4.45 13.29 -5.18
N HIS A 129 -3.71 12.19 -5.18
CA HIS A 129 -2.53 12.05 -6.03
C HIS A 129 -2.89 12.15 -7.51
N ILE A 130 -3.94 11.45 -7.93
CA ILE A 130 -4.39 11.50 -9.31
C ILE A 130 -4.74 12.94 -9.69
N LEU A 131 -5.43 13.63 -8.80
CA LEU A 131 -5.84 15.01 -9.05
C LEU A 131 -4.66 15.96 -9.00
N ASN A 132 -3.66 15.63 -8.17
CA ASN A 132 -2.45 16.45 -8.10
C ASN A 132 -1.64 16.36 -9.38
N LEU A 133 -1.68 15.20 -10.03
CA LEU A 133 -1.02 15.03 -11.32
C LEU A 133 -1.78 15.75 -12.42
N TYR A 134 -3.10 15.60 -12.43
CA TYR A 134 -3.93 16.17 -13.48
C TYR A 134 -4.08 17.69 -13.36
N ARG A 135 -4.06 18.18 -12.12
CA ARG A 135 -4.29 19.60 -11.86
C ARG A 135 -3.01 20.32 -11.43
N ARG A 136 -1.98 19.55 -11.10
CA ARG A 136 -0.67 20.09 -10.79
C ARG A 136 -0.70 21.01 -9.57
N ALA A 137 -1.63 20.75 -8.66
CA ALA A 137 -1.81 21.61 -7.49
C ALA A 137 -0.60 21.62 -6.56
N THR A 138 -0.03 20.45 -6.31
CA THR A 138 1.12 20.33 -5.39
C THR A 138 2.37 20.98 -5.98
N TRP A 139 2.56 20.84 -7.29
CA TRP A 139 3.71 21.42 -7.96
C TRP A 139 3.56 22.94 -8.09
N LEU A 140 2.33 23.41 -8.28
CA LEU A 140 2.05 24.84 -8.36
C LEU A 140 2.30 25.51 -7.02
N HIS A 141 1.98 24.80 -5.94
CA HIS A 141 2.21 25.31 -4.59
C HIS A 141 3.70 25.31 -4.26
N GLN A 142 4.41 24.26 -4.70
CA GLN A 142 5.85 24.18 -4.51
C GLN A 142 6.54 25.34 -5.21
N ALA A 143 6.04 25.68 -6.40
CA ALA A 143 6.63 26.76 -7.19
C ALA A 143 6.47 28.11 -6.51
N LEU A 144 5.29 28.37 -5.95
CA LEU A 144 5.05 29.61 -5.22
C LEU A 144 5.97 29.71 -4.01
N ARG A 145 6.17 28.59 -3.32
CA ARG A 145 7.11 28.54 -2.20
C ARG A 145 8.51 28.91 -2.67
N GLU A 146 8.85 28.51 -3.89
CA GLU A 146 10.18 28.77 -4.45
C GLU A 146 10.33 30.21 -4.94
N GLY A 147 9.23 30.95 -4.99
CA GLY A 147 9.27 32.36 -5.32
C GLY A 147 8.62 32.75 -6.64
N THR A 148 8.19 31.77 -7.42
CA THR A 148 7.61 32.06 -8.73
C THR A 148 6.46 33.07 -8.61
N ARG A 149 6.49 34.06 -9.50
CA ARG A 149 5.42 35.06 -9.57
C ARG A 149 4.66 34.86 -10.88
N VAL A 150 3.34 34.71 -10.78
CA VAL A 150 2.51 34.41 -11.94
C VAL A 150 1.50 35.55 -12.20
N GLN A 151 1.91 36.54 -12.98
CA GLN A 151 1.14 37.75 -13.18
C GLN A 151 0.15 37.66 -14.34
N SER A 152 0.62 37.17 -15.48
CA SER A 152 -0.18 37.15 -16.70
C SER A 152 -0.82 35.78 -16.93
N VAL A 153 -1.76 35.72 -17.88
CA VAL A 153 -2.39 34.47 -18.25
C VAL A 153 -1.38 33.56 -18.95
N GLU A 154 -0.53 34.15 -19.74
CA GLU A 154 0.51 33.44 -20.42
C GLU A 154 1.37 32.65 -19.43
N GLN A 155 1.68 33.29 -18.32
CA GLN A 155 2.47 32.67 -17.26
C GLN A 155 1.71 31.54 -16.57
N ILE A 156 0.41 31.73 -16.38
CA ILE A 156 -0.42 30.70 -15.75
C ILE A 156 -0.40 29.43 -16.59
N ARG A 157 -0.57 29.58 -17.90
CA ARG A 157 -0.56 28.43 -18.80
C ARG A 157 0.80 27.76 -18.82
N GLU A 158 1.86 28.57 -18.77
CA GLU A 158 3.21 28.04 -18.82
C GLU A 158 3.55 27.26 -17.56
N VAL A 159 3.23 27.83 -16.41
CA VAL A 159 3.56 27.20 -15.14
C VAL A 159 2.63 26.01 -14.86
N ALA A 160 1.38 26.11 -15.32
CA ALA A 160 0.42 25.04 -15.12
C ALA A 160 0.42 24.09 -16.32
N SER A 161 1.40 24.25 -17.20
CA SER A 161 1.51 23.38 -18.37
C SER A 161 1.53 21.93 -17.95
N GLY A 162 0.76 21.10 -18.64
CA GLY A 162 0.64 19.70 -18.30
C GLY A 162 -0.68 19.38 -17.62
N ALA A 163 -1.27 20.38 -16.97
CA ALA A 163 -2.61 20.23 -16.41
C ALA A 163 -3.55 19.84 -17.54
N ALA A 164 -4.39 18.83 -17.29
CA ALA A 164 -5.23 18.27 -18.35
C ALA A 164 -6.67 18.07 -17.90
N ARG A 165 -7.60 18.23 -18.84
CA ARG A 165 -9.01 17.98 -18.57
C ARG A 165 -9.19 16.50 -18.27
N ILE A 166 -9.97 16.20 -17.24
CA ILE A 166 -10.12 14.82 -16.78
C ILE A 166 -11.21 14.04 -17.51
N ARG A 167 -12.30 14.71 -17.86
CA ARG A 167 -13.41 14.03 -18.51
C ARG A 167 -13.00 13.42 -19.85
N GLY A 168 -13.32 12.14 -20.05
CA GLY A 168 -12.98 11.45 -21.27
C GLY A 168 -11.66 10.72 -21.15
N GLU A 169 -10.89 11.04 -20.12
CA GLU A 169 -9.64 10.35 -19.85
C GLU A 169 -9.93 8.95 -19.34
N THR A 170 -9.00 8.02 -19.57
CA THR A 170 -9.19 6.64 -19.13
C THR A 170 -8.27 6.32 -17.94
N LEU A 171 -8.88 5.95 -16.83
CA LEU A 171 -8.13 5.52 -15.65
C LEU A 171 -8.06 4.01 -15.63
N GLY A 172 -6.86 3.47 -15.57
CA GLY A 172 -6.64 2.04 -15.52
C GLY A 172 -6.30 1.57 -14.11
N ILE A 173 -7.12 0.66 -13.60
CA ILE A 173 -6.92 0.15 -12.25
C ILE A 173 -6.35 -1.26 -12.28
N ILE A 174 -5.20 -1.44 -11.64
CA ILE A 174 -4.57 -2.75 -11.54
C ILE A 174 -4.82 -3.30 -10.14
N GLY A 175 -5.72 -4.27 -10.06
CA GLY A 175 -6.18 -4.78 -8.78
C GLY A 175 -7.46 -4.10 -8.36
N LEU A 176 -8.60 -4.75 -8.61
CA LEU A 176 -9.89 -4.17 -8.29
C LEU A 176 -10.47 -4.79 -7.02
N GLY A 177 -9.77 -4.60 -5.91
CA GLY A 177 -10.24 -5.06 -4.62
C GLY A 177 -10.95 -3.95 -3.87
N ARG A 178 -10.75 -3.93 -2.55
CA ARG A 178 -11.41 -2.94 -1.70
C ARG A 178 -11.06 -1.52 -2.12
N VAL A 179 -9.77 -1.23 -2.20
CA VAL A 179 -9.31 0.12 -2.53
C VAL A 179 -9.58 0.43 -4.00
N GLY A 180 -9.31 -0.54 -4.87
CA GLY A 180 -9.54 -0.37 -6.29
C GLY A 180 -10.98 -0.01 -6.60
N GLN A 181 -11.92 -0.73 -6.00
CA GLN A 181 -13.33 -0.46 -6.20
C GLN A 181 -13.71 0.91 -5.67
N ALA A 182 -13.17 1.26 -4.50
CA ALA A 182 -13.43 2.57 -3.91
C ALA A 182 -12.89 3.68 -4.82
N VAL A 183 -11.74 3.43 -5.44
CA VAL A 183 -11.13 4.40 -6.35
C VAL A 183 -11.99 4.54 -7.62
N ALA A 184 -12.45 3.41 -8.15
CA ALA A 184 -13.26 3.41 -9.36
C ALA A 184 -14.51 4.27 -9.20
N LEU A 185 -15.23 4.09 -8.11
CA LEU A 185 -16.48 4.79 -7.87
C LEU A 185 -16.27 6.30 -7.78
N ARG A 186 -15.21 6.70 -7.07
CA ARG A 186 -14.87 8.11 -6.96
C ARG A 186 -14.46 8.65 -8.32
N ALA A 187 -13.64 7.88 -9.04
CA ALA A 187 -13.09 8.31 -10.31
C ALA A 187 -14.19 8.60 -11.33
N LYS A 188 -15.26 7.80 -11.30
CA LYS A 188 -16.38 8.00 -12.20
C LYS A 188 -17.00 9.38 -12.02
N ALA A 189 -16.97 9.88 -10.79
CA ALA A 189 -17.61 11.15 -10.49
C ALA A 189 -16.86 12.33 -11.12
N PHE A 190 -15.67 12.07 -11.63
CA PHE A 190 -14.87 13.11 -12.28
C PHE A 190 -14.94 12.99 -13.80
N GLY A 191 -15.65 11.98 -14.29
CA GLY A 191 -15.80 11.78 -15.73
C GLY A 191 -14.75 10.83 -16.30
N PHE A 192 -14.01 10.16 -15.43
CA PHE A 192 -13.03 9.16 -15.87
C PHE A 192 -13.76 7.97 -16.47
N ASN A 193 -13.27 7.51 -17.63
CA ASN A 193 -13.63 6.21 -18.14
C ASN A 193 -12.74 5.20 -17.40
N VAL A 194 -13.36 4.30 -16.62
CA VAL A 194 -12.59 3.43 -15.74
C VAL A 194 -12.44 2.01 -16.28
N LEU A 195 -11.19 1.59 -16.44
CA LEU A 195 -10.85 0.21 -16.81
C LEU A 195 -10.17 -0.46 -15.63
N PHE A 196 -10.15 -1.79 -15.63
CA PHE A 196 -9.39 -2.52 -14.61
C PHE A 196 -8.88 -3.86 -15.12
N TYR A 197 -7.76 -4.28 -14.55
CA TYR A 197 -7.18 -5.60 -14.83
C TYR A 197 -6.96 -6.31 -13.52
N ASP A 198 -7.66 -7.42 -13.33
CA ASP A 198 -7.53 -8.21 -12.13
C ASP A 198 -7.83 -9.67 -12.46
N PRO A 199 -6.77 -10.45 -12.75
CA PRO A 199 -6.88 -11.80 -13.30
C PRO A 199 -7.38 -12.84 -12.30
N TYR A 200 -7.47 -12.47 -11.02
CA TYR A 200 -7.88 -13.42 -10.00
C TYR A 200 -9.37 -13.28 -9.64
N LEU A 201 -10.01 -12.23 -10.15
CA LEU A 201 -11.42 -12.01 -9.86
C LEU A 201 -12.31 -12.84 -10.77
N SER A 202 -13.50 -13.16 -10.28
CA SER A 202 -14.42 -14.00 -11.02
C SER A 202 -15.22 -13.19 -12.04
N ASP A 203 -15.77 -13.89 -13.02
CA ASP A 203 -16.56 -13.28 -14.08
C ASP A 203 -17.73 -12.48 -13.52
N GLY A 204 -17.85 -11.21 -13.94
CA GLY A 204 -19.06 -10.45 -13.72
C GLY A 204 -18.99 -9.26 -12.77
N VAL A 205 -17.90 -9.12 -12.05
CA VAL A 205 -17.78 -8.01 -11.09
C VAL A 205 -17.83 -6.67 -11.80
N GLU A 206 -17.36 -6.65 -13.05
CA GLU A 206 -17.32 -5.44 -13.85
C GLU A 206 -18.71 -4.90 -14.13
N ARG A 207 -19.69 -5.81 -14.21
CA ARG A 207 -21.07 -5.43 -14.52
C ARG A 207 -21.73 -4.79 -13.31
N ALA A 208 -21.43 -5.31 -12.13
CA ALA A 208 -22.05 -4.84 -10.90
C ALA A 208 -21.70 -3.38 -10.64
N LEU A 209 -20.48 -3.01 -10.98
CA LEU A 209 -19.96 -1.68 -10.64
C LEU A 209 -19.90 -0.76 -11.85
N GLY A 210 -20.33 -1.25 -13.00
CA GLY A 210 -20.37 -0.44 -14.21
C GLY A 210 -18.99 -0.06 -14.70
N LEU A 211 -18.10 -1.05 -14.78
CA LEU A 211 -16.74 -0.81 -15.20
C LEU A 211 -16.40 -1.65 -16.43
N GLN A 212 -15.31 -1.30 -17.11
CA GLN A 212 -14.82 -2.09 -18.23
C GLN A 212 -13.64 -2.94 -17.76
N ARG A 213 -13.60 -4.18 -18.20
CA ARG A 213 -12.54 -5.10 -17.79
C ARG A 213 -11.70 -5.54 -18.99
N VAL A 214 -10.40 -5.70 -18.76
CA VAL A 214 -9.49 -6.22 -19.78
C VAL A 214 -8.81 -7.47 -19.26
N SER A 215 -8.37 -8.33 -20.17
CA SER A 215 -7.84 -9.63 -19.80
C SER A 215 -6.34 -9.64 -19.55
N THR A 216 -5.63 -8.62 -20.07
CA THR A 216 -4.18 -8.57 -19.94
C THR A 216 -3.71 -7.22 -19.41
N LEU A 217 -2.55 -7.23 -18.76
CA LEU A 217 -1.91 -6.01 -18.29
C LEU A 217 -1.59 -5.08 -19.45
N GLN A 218 -1.13 -5.67 -20.56
CA GLN A 218 -0.78 -4.89 -21.74
C GLN A 218 -1.97 -4.10 -22.27
N ASP A 219 -3.15 -4.73 -22.29
CA ASP A 219 -4.36 -4.04 -22.71
C ASP A 219 -4.63 -2.85 -21.80
N LEU A 220 -4.52 -3.10 -20.49
CA LEU A 220 -4.73 -2.06 -19.48
C LEU A 220 -3.81 -0.87 -19.74
N LEU A 221 -2.51 -1.14 -19.80
CA LEU A 221 -1.51 -0.10 -19.99
C LEU A 221 -1.68 0.62 -21.33
N PHE A 222 -2.19 -0.10 -22.31
CA PHE A 222 -2.29 0.41 -23.68
C PHE A 222 -3.42 1.42 -23.83
N HIS A 223 -4.49 1.24 -23.07
CA HIS A 223 -5.68 2.09 -23.20
C HIS A 223 -5.78 3.14 -22.10
N SER A 224 -4.83 3.13 -21.15
CA SER A 224 -4.96 3.96 -19.95
C SER A 224 -4.06 5.20 -19.99
N ASP A 225 -4.67 6.36 -19.77
CA ASP A 225 -3.94 7.62 -19.69
C ASP A 225 -3.30 7.76 -18.32
N CYS A 226 -3.96 7.20 -17.31
CA CYS A 226 -3.45 7.20 -15.95
C CYS A 226 -3.57 5.80 -15.35
N VAL A 227 -2.45 5.27 -14.86
CA VAL A 227 -2.45 3.93 -14.28
C VAL A 227 -2.28 4.03 -12.77
N THR A 228 -3.13 3.33 -12.02
CA THR A 228 -3.06 3.34 -10.57
C THR A 228 -3.06 1.91 -10.02
N LEU A 229 -2.14 1.64 -9.10
CA LEU A 229 -1.93 0.29 -8.60
C LEU A 229 -2.64 0.04 -7.28
N HIS A 230 -3.33 -1.08 -7.19
CA HIS A 230 -4.07 -1.44 -5.99
C HIS A 230 -4.09 -2.95 -5.77
N CYS A 231 -3.02 -3.61 -6.21
CA CYS A 231 -2.87 -5.05 -6.03
C CYS A 231 -1.92 -5.35 -4.88
N GLY A 232 -2.14 -6.48 -4.23
CA GLY A 232 -1.21 -6.94 -3.21
C GLY A 232 0.08 -7.40 -3.85
N LEU A 233 1.18 -7.32 -3.11
CA LEU A 233 2.45 -7.81 -3.60
C LEU A 233 2.57 -9.30 -3.34
N ASN A 234 2.67 -10.08 -4.41
CA ASN A 234 2.76 -11.53 -4.31
C ASN A 234 3.94 -12.06 -5.13
N GLU A 235 4.03 -13.38 -5.22
CA GLU A 235 5.15 -14.03 -5.89
C GLU A 235 5.26 -13.69 -7.38
N HIS A 236 4.15 -13.30 -7.99
CA HIS A 236 4.10 -13.19 -9.44
C HIS A 236 3.95 -11.77 -9.99
N ASN A 237 4.13 -10.75 -9.16
CA ASN A 237 4.01 -9.38 -9.66
C ASN A 237 5.07 -8.39 -9.15
N HIS A 238 6.23 -8.91 -8.74
CA HIS A 238 7.36 -8.04 -8.40
CA HIS A 238 7.34 -8.03 -8.40
C HIS A 238 7.84 -7.34 -9.66
N HIS A 239 8.06 -6.03 -9.56
CA HIS A 239 8.45 -5.24 -10.72
C HIS A 239 7.48 -5.49 -11.87
N LEU A 240 6.19 -5.60 -11.54
CA LEU A 240 5.13 -5.68 -12.54
C LEU A 240 5.27 -4.54 -13.54
N ILE A 241 5.63 -3.36 -13.02
CA ILE A 241 5.96 -2.21 -13.86
C ILE A 241 7.47 -2.18 -14.06
N ASN A 242 7.90 -2.44 -15.29
CA ASN A 242 9.32 -2.56 -15.61
C ASN A 242 9.63 -1.95 -16.97
N ASP A 243 10.89 -2.00 -17.38
CA ASP A 243 11.31 -1.44 -18.67
C ASP A 243 10.43 -1.96 -19.80
N PHE A 244 10.06 -3.23 -19.75
CA PHE A 244 9.23 -3.84 -20.78
C PHE A 244 7.81 -3.27 -20.76
N THR A 245 7.15 -3.35 -19.61
CA THR A 245 5.75 -2.92 -19.50
C THR A 245 5.59 -1.40 -19.56
N VAL A 246 6.62 -0.66 -19.18
CA VAL A 246 6.60 0.80 -19.29
C VAL A 246 6.49 1.18 -20.76
N LYS A 247 7.17 0.43 -21.62
CA LYS A 247 7.10 0.66 -23.06
C LYS A 247 5.68 0.40 -23.59
N GLN A 248 4.92 -0.40 -22.83
CA GLN A 248 3.54 -0.69 -23.19
C GLN A 248 2.59 0.43 -22.75
N MET A 249 3.08 1.33 -21.90
CA MET A 249 2.26 2.42 -21.38
C MET A 249 2.12 3.55 -22.38
N ARG A 250 0.97 4.21 -22.37
CA ARG A 250 0.71 5.32 -23.27
C ARG A 250 1.74 6.44 -23.09
N GLN A 251 1.97 7.17 -24.17
CA GLN A 251 2.92 8.29 -24.14
C GLN A 251 2.35 9.43 -23.31
N GLY A 252 3.14 9.89 -22.34
CA GLY A 252 2.71 10.96 -21.46
C GLY A 252 1.73 10.49 -20.41
N ALA A 253 1.74 9.19 -20.13
CA ALA A 253 0.80 8.61 -19.18
C ALA A 253 1.17 8.98 -17.74
N PHE A 254 0.20 8.85 -16.83
CA PHE A 254 0.44 9.07 -15.42
C PHE A 254 0.57 7.72 -14.73
N LEU A 255 1.27 7.71 -13.60
CA LEU A 255 1.37 6.50 -12.78
C LEU A 255 1.17 6.87 -11.32
N VAL A 256 0.32 6.10 -10.64
CA VAL A 256 0.06 6.30 -9.23
C VAL A 256 0.21 4.97 -8.49
N ASN A 257 0.87 5.00 -7.33
CA ASN A 257 1.04 3.79 -6.54
C ASN A 257 0.85 4.05 -5.06
N THR A 258 -0.21 3.46 -4.51
CA THR A 258 -0.48 3.52 -3.08
C THR A 258 -0.60 2.09 -2.55
N ALA A 259 -0.06 1.14 -3.30
CA ALA A 259 -0.13 -0.26 -2.90
C ALA A 259 1.19 -0.72 -2.27
N ARG A 260 2.11 -1.21 -3.10
CA ARG A 260 3.39 -1.70 -2.62
C ARG A 260 4.53 -1.24 -3.53
N GLY A 261 5.62 -0.80 -2.94
CA GLY A 261 6.74 -0.27 -3.69
C GLY A 261 7.37 -1.30 -4.62
N GLY A 262 7.45 -2.54 -4.16
CA GLY A 262 8.07 -3.60 -4.92
C GLY A 262 7.39 -3.89 -6.24
N LEU A 263 6.25 -3.26 -6.49
CA LEU A 263 5.53 -3.44 -7.76
C LEU A 263 6.18 -2.68 -8.91
N VAL A 264 7.07 -1.75 -8.60
CA VAL A 264 7.65 -0.86 -9.60
C VAL A 264 9.16 -0.87 -9.57
N ASP A 265 9.77 -1.06 -10.74
CA ASP A 265 11.20 -0.89 -10.90
C ASP A 265 11.50 0.60 -11.03
N GLU A 266 11.99 1.19 -9.96
CA GLU A 266 12.18 2.64 -9.91
C GLU A 266 13.24 3.12 -10.89
N LYS A 267 14.09 2.21 -11.35
CA LYS A 267 15.07 2.55 -12.37
C LYS A 267 14.35 2.87 -13.68
N ALA A 268 13.44 1.98 -14.07
CA ALA A 268 12.69 2.16 -15.30
C ALA A 268 11.77 3.38 -15.22
N LEU A 269 11.19 3.59 -14.04
CA LEU A 269 10.30 4.73 -13.83
C LEU A 269 11.06 6.05 -13.93
N ALA A 270 12.25 6.08 -13.34
CA ALA A 270 13.09 7.28 -13.38
C ALA A 270 13.37 7.69 -14.82
N GLN A 271 13.94 6.77 -15.59
CA GLN A 271 14.30 7.05 -16.98
C GLN A 271 13.07 7.48 -17.78
N ALA A 272 11.94 6.83 -17.54
CA ALA A 272 10.71 7.17 -18.23
C ALA A 272 10.31 8.61 -17.94
N LEU A 273 10.47 9.01 -16.68
CA LEU A 273 10.14 10.37 -16.26
C LEU A 273 11.06 11.40 -16.92
N LYS A 274 12.36 11.12 -16.94
CA LYS A 274 13.32 12.04 -17.55
C LYS A 274 13.10 12.11 -19.06
N GLU A 275 12.80 10.97 -19.67
CA GLU A 275 12.58 10.91 -21.12
C GLU A 275 11.23 11.49 -21.51
N GLY A 276 10.36 11.69 -20.52
CA GLY A 276 9.04 12.21 -20.77
C GLY A 276 8.07 11.15 -21.29
N ARG A 277 8.51 9.90 -21.31
CA ARG A 277 7.63 8.79 -21.68
C ARG A 277 6.48 8.72 -20.66
N ILE A 278 6.79 9.05 -19.42
CA ILE A 278 5.78 9.19 -18.39
C ILE A 278 5.77 10.65 -17.92
N ARG A 279 4.60 11.28 -17.98
CA ARG A 279 4.48 12.70 -17.70
C ARG A 279 4.59 13.01 -16.22
N GLY A 280 4.18 12.07 -15.38
CA GLY A 280 4.18 12.28 -13.94
C GLY A 280 3.91 11.00 -13.16
N ALA A 281 4.42 10.94 -11.94
CA ALA A 281 4.18 9.79 -11.07
C ALA A 281 3.92 10.26 -9.64
N ALA A 282 2.97 9.60 -8.97
CA ALA A 282 2.66 9.91 -7.59
C ALA A 282 2.75 8.63 -6.77
N LEU A 283 3.69 8.58 -5.83
CA LEU A 283 3.99 7.37 -5.10
C LEU A 283 3.90 7.55 -3.60
N ASP A 284 3.13 6.70 -2.94
CA ASP A 284 3.04 6.73 -1.49
C ASP A 284 3.84 5.57 -0.90
N VAL A 285 4.32 4.69 -1.77
CA VAL A 285 5.08 3.53 -1.36
C VAL A 285 6.31 3.41 -2.27
N HIS A 286 7.34 2.72 -1.80
CA HIS A 286 8.62 2.67 -2.53
C HIS A 286 9.36 1.36 -2.30
N GLU A 287 10.29 1.05 -3.20
CA GLU A 287 11.07 -0.18 -3.11
C GLU A 287 11.79 -0.26 -1.76
N SER A 288 12.40 0.84 -1.36
CA SER A 288 13.05 0.94 -0.06
C SER A 288 12.47 2.08 0.75
N GLU A 289 11.77 1.74 1.83
CA GLU A 289 11.20 2.74 2.72
C GLU A 289 11.98 2.75 4.03
N PRO A 290 12.12 3.93 4.65
CA PRO A 290 11.52 5.20 4.25
C PRO A 290 12.11 5.77 2.96
N PHE A 291 11.35 6.61 2.26
CA PHE A 291 11.80 7.22 1.03
C PHE A 291 12.52 8.54 1.29
N SER A 292 13.49 8.85 0.43
CA SER A 292 14.16 10.14 0.48
C SER A 292 14.40 10.65 -0.94
N PHE A 293 14.24 11.96 -1.13
CA PHE A 293 14.46 12.57 -2.44
C PHE A 293 15.94 12.64 -2.80
N SER A 294 16.81 12.36 -1.84
CA SER A 294 18.24 12.47 -2.05
C SER A 294 18.90 11.10 -2.22
N GLN A 295 18.13 10.04 -1.97
CA GLN A 295 18.64 8.68 -2.06
C GLN A 295 17.83 7.83 -3.03
N GLY A 296 18.49 7.26 -4.02
CA GLY A 296 17.87 6.33 -4.94
C GLY A 296 17.85 6.78 -6.39
N PRO A 297 17.28 5.94 -7.27
CA PRO A 297 17.13 6.18 -8.71
C PRO A 297 16.24 7.37 -9.00
N LEU A 298 15.25 7.59 -8.14
CA LEU A 298 14.32 8.71 -8.29
C LEU A 298 14.96 10.01 -7.81
N LYS A 299 16.20 9.93 -7.31
CA LYS A 299 16.95 11.10 -6.86
C LYS A 299 16.71 12.33 -7.73
N ASP A 300 17.14 12.25 -8.98
CA ASP A 300 17.06 13.39 -9.89
C ASP A 300 15.92 13.26 -10.91
N ALA A 301 14.97 12.38 -10.62
CA ALA A 301 13.84 12.17 -11.53
C ALA A 301 12.79 13.28 -11.34
N PRO A 302 12.28 13.82 -12.45
CA PRO A 302 11.34 14.95 -12.43
C PRO A 302 9.87 14.54 -12.42
N ASN A 303 8.99 15.53 -12.36
CA ASN A 303 7.54 15.30 -12.39
C ASN A 303 7.14 14.21 -11.41
N LEU A 304 7.66 14.31 -10.19
CA LEU A 304 7.46 13.27 -9.19
C LEU A 304 6.79 13.81 -7.94
N ILE A 305 5.77 13.10 -7.48
CA ILE A 305 5.17 13.36 -6.17
C ILE A 305 5.41 12.11 -5.34
N CYS A 306 5.66 12.32 -4.05
CA CYS A 306 5.98 11.21 -3.16
C CYS A 306 5.46 11.51 -1.77
N THR A 307 4.86 10.50 -1.14
CA THR A 307 4.41 10.62 0.24
C THR A 307 4.88 9.40 1.02
N PRO A 308 5.07 9.56 2.33
CA PRO A 308 5.71 8.54 3.17
C PRO A 308 4.78 7.45 3.69
N HIS A 309 4.11 6.74 2.79
CA HIS A 309 3.24 5.65 3.17
C HIS A 309 2.19 6.15 4.18
N ALA A 310 1.49 7.21 3.82
CA ALA A 310 0.50 7.81 4.72
C ALA A 310 -0.90 7.83 4.11
N ALA A 311 -1.08 7.18 2.98
CA ALA A 311 -2.39 7.13 2.33
C ALA A 311 -3.43 6.55 3.28
N TRP A 312 -2.98 5.62 4.12
CA TRP A 312 -3.86 4.92 5.06
C TRP A 312 -4.30 5.76 6.24
N TYR A 313 -3.55 6.80 6.58
CA TYR A 313 -3.69 7.39 7.90
C TYR A 313 -4.87 8.34 8.13
N SER A 314 -5.59 8.05 9.21
CA SER A 314 -6.46 9.00 9.86
C SER A 314 -6.49 8.54 11.31
N GLU A 315 -6.82 9.42 12.24
CA GLU A 315 -6.85 9.03 13.64
C GLU A 315 -7.86 7.91 13.85
N GLN A 316 -9.03 8.04 13.22
CA GLN A 316 -10.08 7.06 13.35
C GLN A 316 -9.66 5.71 12.80
N ALA A 317 -8.96 5.71 11.66
CA ALA A 317 -8.52 4.47 11.03
C ALA A 317 -7.45 3.78 11.85
N SER A 318 -6.46 4.53 12.29
CA SER A 318 -5.35 3.99 13.07
C SER A 318 -5.86 3.28 14.32
N ILE A 319 -6.72 3.94 15.06
CA ILE A 319 -7.33 3.34 16.25
C ILE A 319 -8.15 2.12 15.87
N GLU A 320 -8.90 2.22 14.77
CA GLU A 320 -9.77 1.13 14.33
C GLU A 320 -8.98 -0.15 14.05
N MET A 321 -7.93 -0.05 13.26
CA MET A 321 -7.15 -1.23 12.89
C MET A 321 -6.42 -1.86 14.04
N ARG A 322 -6.02 -1.03 14.99
CA ARG A 322 -5.34 -1.51 16.19
C ARG A 322 -6.30 -2.25 17.11
N GLU A 323 -7.54 -1.77 17.15
CA GLU A 323 -8.57 -2.41 17.97
C GLU A 323 -8.99 -3.75 17.35
N GLU A 324 -9.05 -3.80 16.03
CA GLU A 324 -9.39 -5.04 15.33
C GLU A 324 -8.29 -6.08 15.50
N ALA A 325 -7.04 -5.63 15.43
CA ALA A 325 -5.91 -6.53 15.55
C ALA A 325 -5.87 -7.16 16.93
N ALA A 326 -6.08 -6.35 17.96
CA ALA A 326 -6.08 -6.85 19.33
C ALA A 326 -7.21 -7.85 19.53
N ARG A 327 -8.38 -7.56 18.96
CA ARG A 327 -9.51 -8.47 19.07
C ARG A 327 -9.16 -9.81 18.43
N GLU A 328 -8.46 -9.77 17.30
CA GLU A 328 -8.03 -11.00 16.64
C GLU A 328 -7.06 -11.77 17.53
N ILE A 329 -6.11 -11.04 18.13
CA ILE A 329 -5.20 -11.63 19.10
C ILE A 329 -5.97 -12.30 20.24
N ARG A 330 -7.03 -11.63 20.70
CA ARG A 330 -7.82 -12.14 21.81
C ARG A 330 -8.61 -13.37 21.39
N ARG A 331 -9.15 -13.35 20.17
CA ARG A 331 -9.89 -14.49 19.66
C ARG A 331 -8.97 -15.72 19.60
N ALA A 332 -7.70 -15.49 19.29
CA ALA A 332 -6.73 -16.58 19.20
C ALA A 332 -6.42 -17.18 20.57
N ILE A 333 -6.14 -16.32 21.55
CA ILE A 333 -5.79 -16.77 22.89
C ILE A 333 -6.96 -17.48 23.57
N THR A 334 -8.15 -16.91 23.41
CA THR A 334 -9.33 -17.36 24.14
C THR A 334 -10.06 -18.49 23.42
N GLY A 335 -9.84 -18.62 22.12
CA GLY A 335 -10.53 -19.61 21.32
C GLY A 335 -9.59 -20.63 20.69
N ARG A 336 -9.99 -21.14 19.54
CA ARG A 336 -9.18 -22.08 18.77
C ARG A 336 -8.64 -21.43 17.51
N ILE A 337 -7.37 -21.71 17.22
CA ILE A 337 -6.78 -21.37 15.95
C ILE A 337 -7.00 -22.55 14.99
N PRO A 338 -7.37 -22.25 13.72
CA PRO A 338 -7.65 -20.93 13.16
C PRO A 338 -9.15 -20.68 12.95
N ASP A 339 -9.91 -21.51 13.54
CA ASP A 339 -11.39 -21.48 13.40
C ASP A 339 -12.07 -20.20 13.93
N SER A 340 -11.45 -19.61 14.95
CA SER A 340 -12.01 -18.42 15.60
C SER A 340 -11.56 -17.13 14.91
N LEU A 341 -10.53 -17.25 14.09
CA LEU A 341 -9.94 -16.08 13.45
C LEU A 341 -10.85 -15.53 12.36
N LYS A 342 -10.93 -14.21 12.32
CA LYS A 342 -11.78 -13.51 11.37
C LYS A 342 -11.03 -13.20 10.08
N ASN A 343 -9.74 -12.92 10.19
CA ASN A 343 -8.95 -12.48 9.06
C ASN A 343 -7.63 -13.24 8.89
N CYS A 344 -7.70 -14.57 8.99
CA CYS A 344 -6.53 -15.39 8.76
C CYS A 344 -6.26 -15.51 7.26
N VAL A 345 -5.04 -15.19 6.86
CA VAL A 345 -4.70 -15.18 5.46
C VAL A 345 -3.83 -16.38 5.05
N ASN A 346 -3.57 -17.31 5.96
CA ASN A 346 -2.65 -18.41 5.67
C ASN A 346 -3.11 -19.76 6.21
N LYS A 347 -4.41 -20.01 6.15
CA LYS A 347 -4.97 -21.28 6.59
C LYS A 347 -4.40 -22.39 5.73
#